data_6D5K
#
_entry.id   6D5K
#
_cell.length_a   112.252
_cell.length_b   112.252
_cell.length_c   117.993
_cell.angle_alpha   90.000
_cell.angle_beta   90.000
_cell.angle_gamma   120.000
#
_symmetry.space_group_name_H-M   'P 31 2 1'
#
loop_
_entity.id
_entity.type
_entity.pdbx_description
1 polymer 'Cob(I)yrinic acid a,c-diamide adenosyltransferase, mitochondrial'
2 non-polymer "5'-DEOXYADENOSINE"
3 non-polymer COBALAMIN
4 non-polymer 'SULFATE ION'
5 non-polymer "ADENOSINE-5'-TRIPHOSPHATE"
6 non-polymer 'MAGNESIUM ION'
7 non-polymer '4-(2-HYDROXYETHYL)-1-PIPERAZINE ETHANESULFONIC ACID'
8 water water
#
_entity_poly.entity_id   1
_entity_poly.type   'polypeptide(L)'
_entity_poly.pdbx_seq_one_letter_code
;MPKIYTKTGDKGFSSTFTGERRPKDDQVFEAVGTTDELSSAIGFALELVTEKGHTFAEELQKIQCTLQDVGSALATPCSS
AREAHLKYTTFKAGPILELEQWIDKYTSQLPPLTAFILPSGGKISSALHFCRAVCRRAERRVVPLVQMGETDANVAKFLN
RLSDYLFTLARYAAMKEGNQEKIYMKNDPSAESEGL
;
_entity_poly.pdbx_strand_id   A,B,C
#
# COMPACT_ATOMS: atom_id res chain seq x y z
N ASP A 25 17.13 -13.97 8.90
CA ASP A 25 16.63 -14.29 7.55
C ASP A 25 15.77 -13.14 6.99
N ASP A 26 15.78 -12.98 5.66
CA ASP A 26 15.04 -11.89 5.04
C ASP A 26 13.53 -12.14 5.11
N GLN A 27 13.10 -13.41 5.12
CA GLN A 27 11.68 -13.72 5.27
C GLN A 27 11.13 -13.19 6.59
N VAL A 28 11.92 -13.32 7.65
CA VAL A 28 11.45 -12.88 8.97
C VAL A 28 11.32 -11.36 9.00
N PHE A 29 12.31 -10.65 8.47
CA PHE A 29 12.21 -9.20 8.44
C PHE A 29 10.99 -8.77 7.62
N GLU A 30 10.68 -9.49 6.55
CA GLU A 30 9.50 -9.13 5.78
C GLU A 30 8.23 -9.34 6.58
N ALA A 31 8.16 -10.43 7.34
CA ALA A 31 6.97 -10.67 8.17
C ALA A 31 6.84 -9.56 9.22
N VAL A 32 7.94 -9.22 9.89
CA VAL A 32 7.87 -8.26 10.96
C VAL A 32 7.56 -6.87 10.43
N GLY A 33 8.13 -6.51 9.28
CA GLY A 33 7.80 -5.23 8.69
C GLY A 33 6.35 -5.17 8.25
N THR A 34 5.81 -6.25 7.72
CA THR A 34 4.42 -6.19 7.27
C THR A 34 3.47 -6.15 8.45
N THR A 35 3.81 -6.84 9.52
CA THR A 35 2.99 -6.72 10.72
C THR A 35 3.07 -5.30 11.29
N ASP A 36 4.25 -4.69 11.28
CA ASP A 36 4.38 -3.30 11.67
C ASP A 36 3.50 -2.43 10.79
N GLU A 37 3.52 -2.67 9.48
CA GLU A 37 2.73 -1.89 8.53
C GLU A 37 1.25 -2.00 8.85
N LEU A 38 0.79 -3.21 9.15
CA LEU A 38 -0.59 -3.40 9.57
C LEU A 38 -0.90 -2.54 10.79
N SER A 39 -0.04 -2.60 11.81
CA SER A 39 -0.29 -1.86 13.04
C SER A 39 -0.34 -0.37 12.76
N SER A 40 0.53 0.13 11.90
CA SER A 40 0.55 1.57 11.62
C SER A 40 -0.69 1.99 10.86
N ALA A 41 -1.14 1.15 9.94
CA ALA A 41 -2.40 1.45 9.27
C ALA A 41 -3.55 1.49 10.25
N ILE A 42 -3.62 0.53 11.15
CA ILE A 42 -4.67 0.58 12.17
C ILE A 42 -4.55 1.85 13.03
N GLY A 43 -3.33 2.28 13.32
CA GLY A 43 -3.19 3.51 14.09
C GLY A 43 -3.77 4.70 13.36
N PHE A 44 -3.45 4.82 12.07
CA PHE A 44 -4.05 5.90 11.32
C PHE A 44 -5.56 5.77 11.30
N ALA A 45 -6.05 4.56 11.05
CA ALA A 45 -7.49 4.34 11.02
C ALA A 45 -8.13 4.81 12.32
N LEU A 46 -7.55 4.43 13.45
CA LEU A 46 -8.08 4.83 14.75
C LEU A 46 -8.17 6.34 14.86
N GLU A 47 -7.17 7.05 14.33
CA GLU A 47 -7.22 8.50 14.38
C GLU A 47 -8.46 9.07 13.68
N LEU A 48 -9.23 8.26 12.96
CA LEU A 48 -10.44 8.69 12.27
C LEU A 48 -11.69 8.67 13.12
N VAL A 49 -11.62 8.24 14.38
CA VAL A 49 -12.77 8.28 15.27
C VAL A 49 -12.92 9.68 15.85
N THR A 50 -14.09 10.29 15.64
CA THR A 50 -14.28 11.65 16.09
C THR A 50 -14.71 11.69 17.56
N GLU A 51 -15.72 10.90 17.94
CA GLU A 51 -16.18 10.85 19.32
C GLU A 51 -15.50 9.71 20.07
N LYS A 52 -15.08 9.98 21.29
CA LYS A 52 -14.42 8.99 22.14
C LYS A 52 -15.46 8.05 22.75
N GLY A 53 -14.97 7.04 23.46
CA GLY A 53 -15.85 6.12 24.14
C GLY A 53 -16.34 4.95 23.31
N HIS A 54 -15.90 4.82 22.06
CA HIS A 54 -16.32 3.73 21.19
C HIS A 54 -15.59 2.45 21.58
N THR A 55 -16.35 1.38 21.84
CA THR A 55 -15.71 0.15 22.31
C THR A 55 -14.77 -0.44 21.25
N PHE A 56 -15.11 -0.30 19.97
CA PHE A 56 -14.22 -0.87 18.95
C PHE A 56 -12.90 -0.13 18.81
N ALA A 57 -12.81 1.13 19.28
CA ALA A 57 -11.52 1.79 19.38
C ALA A 57 -10.64 1.13 20.44
N GLU A 58 -11.25 0.72 21.56
CA GLU A 58 -10.52 -0.04 22.57
C GLU A 58 -10.05 -1.37 21.98
N GLU A 59 -10.92 -2.01 21.20
CA GLU A 59 -10.56 -3.28 20.58
C GLU A 59 -9.42 -3.12 19.60
N LEU A 60 -9.48 -2.09 18.75
CA LEU A 60 -8.37 -1.86 17.83
C LEU A 60 -7.06 -1.56 18.55
N GLN A 61 -7.11 -0.88 19.69
CA GLN A 61 -5.87 -0.68 20.43
C GLN A 61 -5.35 -1.98 21.04
N LYS A 62 -6.26 -2.82 21.56
CA LYS A 62 -5.82 -4.14 22.02
C LYS A 62 -5.18 -4.91 20.87
N ILE A 63 -5.73 -4.78 19.67
CA ILE A 63 -5.14 -5.47 18.53
C ILE A 63 -3.75 -4.93 18.24
N GLN A 64 -3.56 -3.61 18.35
CA GLN A 64 -2.23 -3.09 18.12
C GLN A 64 -1.22 -3.71 19.08
N CYS A 65 -1.62 -3.86 20.35
CA CYS A 65 -0.72 -4.48 21.32
C CYS A 65 -0.44 -5.93 20.92
N THR A 66 -1.48 -6.69 20.59
CA THR A 66 -1.26 -8.05 20.16
C THR A 66 -0.33 -8.09 18.95
N LEU A 67 -0.41 -7.09 18.08
CA LEU A 67 0.44 -7.07 16.91
C LEU A 67 1.89 -6.90 17.29
N GLN A 68 2.16 -6.01 18.25
CA GLN A 68 3.51 -5.93 18.83
C GLN A 68 3.93 -7.29 19.37
N ASP A 69 2.98 -8.05 19.92
CA ASP A 69 3.31 -9.39 20.43
C ASP A 69 3.66 -10.35 19.30
N VAL A 70 2.95 -10.31 18.18
CA VAL A 70 3.32 -11.21 17.08
C VAL A 70 4.65 -10.78 16.46
N GLY A 71 4.93 -9.49 16.45
CA GLY A 71 6.24 -9.03 15.99
C GLY A 71 7.36 -9.55 16.87
N SER A 72 7.14 -9.54 18.18
CA SER A 72 8.12 -10.16 19.06
C SER A 72 8.23 -11.66 18.81
N ALA A 73 7.09 -12.33 18.59
CA ALA A 73 7.09 -13.77 18.42
C ALA A 73 7.84 -14.17 17.17
N LEU A 74 7.75 -13.36 16.11
CA LEU A 74 8.40 -13.73 14.86
C LEU A 74 9.91 -13.67 14.94
N ALA A 75 10.48 -12.91 15.88
CA ALA A 75 11.93 -12.76 16.00
C ALA A 75 12.52 -13.77 16.99
N THR A 76 12.84 -14.97 16.48
CA THR A 76 13.51 -16.00 17.28
C THR A 76 14.77 -16.49 16.60
N LYS A 87 11.86 -24.34 18.12
CA LYS A 87 12.78 -23.21 18.05
C LYS A 87 12.02 -21.91 17.90
N TYR A 88 10.70 -22.03 17.90
CA TYR A 88 9.80 -20.89 17.82
C TYR A 88 9.17 -20.61 19.17
N THR A 89 8.98 -19.34 19.49
CA THR A 89 8.39 -18.95 20.77
C THR A 89 6.89 -19.27 20.83
N THR A 90 6.40 -19.45 22.05
CA THR A 90 5.00 -19.76 22.27
C THR A 90 4.14 -18.50 22.22
N PHE A 91 3.16 -18.49 21.32
CA PHE A 91 2.24 -17.37 21.13
C PHE A 91 0.88 -17.72 21.70
N LYS A 92 0.49 -16.99 22.76
CA LYS A 92 -0.76 -17.27 23.45
C LYS A 92 -1.93 -17.28 22.48
N ALA A 93 -2.82 -18.25 22.65
CA ALA A 93 -3.99 -18.39 21.79
C ALA A 93 -5.17 -17.52 22.23
N GLY A 94 -5.05 -16.82 23.37
CA GLY A 94 -6.09 -15.98 23.91
C GLY A 94 -6.73 -14.97 22.97
N PRO A 95 -5.91 -14.13 22.32
CA PRO A 95 -6.46 -13.18 21.35
C PRO A 95 -7.29 -13.81 20.23
N ILE A 96 -6.96 -15.04 19.80
CA ILE A 96 -7.77 -15.67 18.75
C ILE A 96 -9.21 -15.83 19.21
N LEU A 97 -9.40 -16.38 20.41
CA LEU A 97 -10.75 -16.46 20.96
C LEU A 97 -11.36 -15.07 21.15
N GLU A 98 -10.57 -14.09 21.63
CA GLU A 98 -11.11 -12.75 21.80
C GLU A 98 -11.69 -12.23 20.49
N LEU A 99 -10.90 -12.30 19.42
CA LEU A 99 -11.36 -11.87 18.11
C LEU A 99 -12.64 -12.59 17.72
N GLU A 100 -12.64 -13.92 17.85
CA GLU A 100 -13.82 -14.67 17.42
C GLU A 100 -15.06 -14.18 18.14
N GLN A 101 -14.95 -13.97 19.46
CA GLN A 101 -16.06 -13.43 20.26
C GLN A 101 -16.51 -12.07 19.72
N TRP A 102 -15.56 -11.17 19.49
CA TRP A 102 -15.94 -9.86 18.95
C TRP A 102 -16.64 -9.99 17.60
N ILE A 103 -16.16 -10.91 16.76
CA ILE A 103 -16.73 -11.12 15.43
C ILE A 103 -18.17 -11.57 15.54
N ASP A 104 -18.44 -12.55 16.41
CA ASP A 104 -19.83 -12.96 16.62
C ASP A 104 -20.67 -11.78 17.12
N LYS A 105 -20.09 -10.96 18.00
CA LYS A 105 -20.79 -9.79 18.53
C LYS A 105 -21.29 -8.89 17.40
N TYR A 106 -20.41 -8.60 16.43
CA TYR A 106 -20.82 -7.67 15.38
C TYR A 106 -21.71 -8.34 14.33
N THR A 107 -21.47 -9.61 13.99
CA THR A 107 -22.35 -10.23 13.01
C THR A 107 -23.77 -10.33 13.54
N SER A 108 -23.94 -10.49 14.87
CA SER A 108 -25.29 -10.54 15.42
C SER A 108 -26.11 -9.30 15.12
N GLN A 109 -25.46 -8.18 14.84
CA GLN A 109 -26.17 -6.93 14.56
C GLN A 109 -26.25 -6.63 13.08
N LEU A 110 -25.66 -7.46 12.22
CA LEU A 110 -25.54 -7.14 10.79
C LEU A 110 -26.51 -7.95 9.93
N PRO A 111 -26.98 -7.37 8.82
CA PRO A 111 -27.80 -8.14 7.90
C PRO A 111 -26.99 -9.24 7.25
N PRO A 112 -27.61 -10.33 6.82
CA PRO A 112 -26.82 -11.40 6.21
C PRO A 112 -26.23 -10.90 4.92
N LEU A 113 -24.92 -11.09 4.76
CA LEU A 113 -24.20 -10.72 3.54
C LEU A 113 -23.95 -11.99 2.75
N THR A 114 -24.19 -11.92 1.46
CA THR A 114 -24.07 -13.11 0.62
C THR A 114 -23.23 -12.89 -0.63
N ALA A 115 -22.72 -11.68 -0.85
CA ALA A 115 -21.98 -11.31 -2.06
C ALA A 115 -20.82 -10.39 -1.69
N PHE A 116 -20.02 -10.05 -2.68
CA PHE A 116 -18.87 -9.17 -2.48
C PHE A 116 -19.34 -7.73 -2.41
N ILE A 117 -18.86 -7.00 -1.41
CA ILE A 117 -19.19 -5.59 -1.27
C ILE A 117 -18.05 -4.76 -1.86
N LEU A 118 -18.40 -3.57 -2.44
CA LEU A 118 -17.29 -2.72 -2.80
C LEU A 118 -16.83 -1.97 -1.56
N PRO A 119 -15.52 -1.79 -1.39
CA PRO A 119 -15.00 -1.10 -0.19
C PRO A 119 -15.46 0.34 -0.11
N SER A 120 -16.17 0.68 0.97
CA SER A 120 -16.76 2.00 1.19
C SER A 120 -17.43 2.09 2.57
N GLY A 121 -18.30 3.08 2.75
CA GLY A 121 -19.16 3.09 3.92
C GLY A 121 -18.64 3.92 5.05
N GLY A 122 -18.11 5.08 4.73
CA GLY A 122 -17.56 5.99 5.72
C GLY A 122 -16.05 5.92 5.78
N LYS A 123 -15.44 7.02 6.22
CA LYS A 123 -13.98 7.07 6.29
C LYS A 123 -13.44 5.94 7.13
N ILE A 124 -14.10 5.65 8.26
CA ILE A 124 -13.68 4.56 9.14
C ILE A 124 -13.75 3.22 8.41
N SER A 125 -14.86 2.96 7.72
CA SER A 125 -15.02 1.67 7.05
C SER A 125 -13.99 1.49 5.95
N SER A 126 -13.71 2.56 5.20
CA SER A 126 -12.74 2.48 4.11
C SER A 126 -11.34 2.22 4.64
N ALA A 127 -10.90 2.99 5.61
CA ALA A 127 -9.57 2.73 6.17
C ALA A 127 -9.50 1.33 6.77
N LEU A 128 -10.61 0.83 7.32
CA LEU A 128 -10.57 -0.53 7.85
C LEU A 128 -10.48 -1.58 6.75
N HIS A 129 -11.10 -1.34 5.59
CA HIS A 129 -10.90 -2.30 4.51
C HIS A 129 -9.45 -2.27 4.01
N PHE A 130 -8.84 -1.09 3.94
CA PHE A 130 -7.42 -1.05 3.62
C PHE A 130 -6.60 -1.80 4.67
N CYS A 131 -6.90 -1.59 5.96
CA CYS A 131 -6.26 -2.35 7.04
C CYS A 131 -6.45 -3.85 6.86
N ARG A 132 -7.65 -4.25 6.46
CA ARG A 132 -7.94 -5.64 6.16
C ARG A 132 -7.01 -6.20 5.09
N ALA A 133 -6.90 -5.51 3.96
CA ALA A 133 -6.02 -5.99 2.89
C ALA A 133 -4.56 -6.05 3.32
N VAL A 134 -4.11 -5.02 4.06
CA VAL A 134 -2.73 -5.05 4.55
C VAL A 134 -2.55 -6.26 5.48
N CYS A 135 -3.56 -6.55 6.28
CA CYS A 135 -3.47 -7.68 7.19
C CYS A 135 -3.35 -8.99 6.41
N ARG A 136 -4.11 -9.14 5.34
CA ARG A 136 -4.00 -10.37 4.55
C ARG A 136 -2.64 -10.47 3.87
N ARG A 137 -2.05 -9.33 3.49
CA ARG A 137 -0.66 -9.38 3.04
C ARG A 137 0.25 -9.89 4.14
N ALA A 138 0.03 -9.43 5.37
CA ALA A 138 0.82 -9.95 6.48
C ALA A 138 0.64 -11.44 6.67
N GLU A 139 -0.57 -11.94 6.52
CA GLU A 139 -0.79 -13.37 6.67
C GLU A 139 0.01 -14.14 5.63
N ARG A 140 0.01 -13.65 4.37
CA ARG A 140 0.80 -14.28 3.33
C ARG A 140 2.30 -14.23 3.62
N ARG A 141 2.75 -13.20 4.33
CA ARG A 141 4.17 -13.14 4.65
C ARG A 141 4.53 -14.06 5.79
N VAL A 142 3.56 -14.40 6.63
CA VAL A 142 3.83 -15.26 7.78
C VAL A 142 3.70 -16.74 7.43
N VAL A 143 2.81 -17.06 6.49
CA VAL A 143 2.53 -18.46 6.18
C VAL A 143 3.78 -19.28 5.85
N PRO A 144 4.72 -18.82 5.00
CA PRO A 144 5.94 -19.62 4.78
C PRO A 144 6.72 -19.90 6.05
N LEU A 145 6.77 -18.94 6.97
CA LEU A 145 7.47 -19.18 8.23
C LEU A 145 6.77 -20.26 9.04
N VAL A 146 5.44 -20.26 9.06
CA VAL A 146 4.73 -21.30 9.80
C VAL A 146 4.95 -22.65 9.15
N GLN A 147 4.88 -22.72 7.82
CA GLN A 147 5.08 -23.98 7.12
C GLN A 147 6.52 -24.45 7.20
N MET A 148 7.45 -23.60 7.62
CA MET A 148 8.82 -24.02 7.85
C MET A 148 9.13 -24.36 9.30
N GLY A 149 8.22 -24.12 10.23
CA GLY A 149 8.48 -24.40 11.61
C GLY A 149 9.19 -23.31 12.38
N GLU A 150 9.33 -22.11 11.83
CA GLU A 150 10.05 -21.03 12.49
C GLU A 150 9.14 -20.15 13.32
N THR A 151 7.82 -20.27 13.16
CA THR A 151 6.85 -19.48 13.89
C THR A 151 5.64 -20.33 14.25
N ASP A 152 5.08 -20.06 15.43
CA ASP A 152 3.89 -20.74 15.90
C ASP A 152 2.71 -20.52 14.94
N ALA A 153 1.99 -21.62 14.67
CA ALA A 153 0.85 -21.55 13.77
C ALA A 153 -0.21 -20.58 14.28
N ASN A 154 -0.28 -20.39 15.60
CA ASN A 154 -1.24 -19.47 16.18
C ASN A 154 -1.05 -18.05 15.67
N VAL A 155 0.14 -17.70 15.17
CA VAL A 155 0.37 -16.36 14.62
C VAL A 155 -0.37 -16.19 13.31
N ALA A 156 -0.22 -17.15 12.40
CA ALA A 156 -0.99 -17.08 11.16
C ALA A 156 -2.48 -17.18 11.45
N LYS A 157 -2.89 -18.05 12.39
CA LYS A 157 -4.30 -18.15 12.73
C LYS A 157 -4.83 -16.82 13.24
N PHE A 158 -4.05 -16.11 14.06
CA PHE A 158 -4.50 -14.82 14.55
C PHE A 158 -4.67 -13.83 13.42
N LEU A 159 -3.69 -13.75 12.50
CA LEU A 159 -3.81 -12.80 11.40
C LEU A 159 -4.98 -13.16 10.48
N ASN A 160 -5.22 -14.46 10.28
CA ASN A 160 -6.35 -14.89 9.46
C ASN A 160 -7.65 -14.45 10.09
N ARG A 161 -7.79 -14.61 11.39
CA ARG A 161 -9.03 -14.17 12.00
C ARG A 161 -9.09 -12.64 12.10
N LEU A 162 -7.95 -11.97 12.23
CA LEU A 162 -7.94 -10.52 12.28
C LEU A 162 -8.48 -9.91 10.99
N SER A 163 -8.18 -10.52 9.84
CA SER A 163 -8.81 -10.04 8.61
C SER A 163 -10.33 -10.16 8.67
N ASP A 164 -10.87 -11.28 9.18
CA ASP A 164 -12.33 -11.41 9.23
C ASP A 164 -12.94 -10.40 10.20
N TYR A 165 -12.27 -10.17 11.33
CA TYR A 165 -12.73 -9.14 12.25
C TYR A 165 -12.72 -7.79 11.57
N LEU A 166 -11.66 -7.47 10.83
CA LEU A 166 -11.59 -6.17 10.17
C LEU A 166 -12.73 -6.02 9.17
N PHE A 167 -13.04 -7.08 8.43
CA PHE A 167 -14.17 -6.99 7.51
C PHE A 167 -15.48 -6.75 8.25
N THR A 168 -15.76 -7.58 9.27
CA THR A 168 -17.05 -7.44 9.95
C THR A 168 -17.16 -6.08 10.63
N LEU A 169 -16.06 -5.57 11.14
CA LEU A 169 -16.07 -4.27 11.80
C LEU A 169 -16.34 -3.16 10.80
N ALA A 170 -15.69 -3.22 9.63
CA ALA A 170 -16.00 -2.25 8.60
C ALA A 170 -17.49 -2.23 8.32
N ARG A 171 -18.09 -3.41 8.16
CA ARG A 171 -19.53 -3.46 7.89
C ARG A 171 -20.31 -2.79 9.00
N TYR A 172 -19.92 -3.06 10.25
CA TYR A 172 -20.64 -2.52 11.40
C TYR A 172 -20.54 -1.01 11.48
N ALA A 173 -19.37 -0.47 11.18
CA ALA A 173 -19.22 0.98 11.17
C ALA A 173 -20.04 1.60 10.07
N ALA A 174 -20.06 0.98 8.89
CA ALA A 174 -20.88 1.52 7.83
C ALA A 174 -22.36 1.51 8.22
N MET A 175 -22.78 0.44 8.92
CA MET A 175 -24.16 0.35 9.37
C MET A 175 -24.48 1.45 10.38
N LYS A 176 -23.59 1.64 11.35
CA LYS A 176 -23.85 2.58 12.43
C LYS A 176 -23.89 4.02 11.93
N GLU A 177 -23.32 4.30 10.77
CA GLU A 177 -23.40 5.60 10.15
C GLU A 177 -24.52 5.71 9.12
N GLY A 178 -25.25 4.64 8.87
CA GLY A 178 -26.33 4.71 7.89
C GLY A 178 -25.90 4.83 6.45
N ASN A 179 -24.76 4.24 6.08
CA ASN A 179 -24.22 4.30 4.72
C ASN A 179 -24.56 3.06 3.91
N GLN A 180 -24.57 3.26 2.58
CA GLN A 180 -25.18 2.34 1.62
C GLN A 180 -24.75 0.89 1.76
N GLU A 181 -23.45 0.60 1.59
CA GLU A 181 -22.88 -0.74 1.43
C GLU A 181 -23.25 -1.20 0.03
N LYS A 182 -22.51 -0.73 -0.97
CA LYS A 182 -22.80 -1.00 -2.37
C LYS A 182 -22.30 -2.38 -2.81
N ILE A 183 -23.17 -3.18 -3.43
CA ILE A 183 -22.82 -4.49 -3.99
C ILE A 183 -22.89 -4.42 -5.51
N TYR A 184 -21.93 -5.05 -6.19
CA TYR A 184 -21.92 -5.15 -7.64
C TYR A 184 -21.99 -6.63 -8.01
N MET A 185 -22.87 -6.96 -8.96
CA MET A 185 -23.02 -8.33 -9.45
C MET A 185 -23.43 -8.32 -10.92
N LYS A 186 -22.69 -9.05 -11.75
CA LYS A 186 -23.06 -9.34 -13.16
C LYS A 186 -21.92 -10.11 -13.82
N LYS B 3 -0.57 10.88 -27.05
CA LYS B 3 -1.13 10.25 -25.86
C LYS B 3 0.00 10.04 -24.84
N ILE B 4 -0.32 10.09 -23.56
CA ILE B 4 0.70 10.02 -22.52
C ILE B 4 1.12 8.59 -22.23
N TYR B 5 0.32 7.61 -22.64
CA TYR B 5 0.67 6.20 -22.53
C TYR B 5 1.15 5.69 -23.88
N THR B 6 2.09 4.74 -23.85
CA THR B 6 2.63 4.24 -25.12
C THR B 6 2.09 2.88 -25.50
N LYS B 7 1.69 2.07 -24.53
CA LYS B 7 1.24 0.68 -24.64
C LYS B 7 2.44 -0.26 -24.80
N THR B 8 3.68 0.24 -24.79
CA THR B 8 4.83 -0.66 -24.81
C THR B 8 4.96 -1.48 -23.54
N GLY B 9 4.10 -1.27 -22.53
CA GLY B 9 4.10 -2.10 -21.34
C GLY B 9 2.98 -3.11 -21.29
N ASP B 10 2.18 -3.19 -22.35
CA ASP B 10 0.97 -3.96 -22.29
C ASP B 10 1.21 -5.46 -22.23
N LYS B 11 2.42 -5.93 -22.52
CA LYS B 11 2.69 -7.37 -22.51
C LYS B 11 3.58 -7.78 -21.34
N GLY B 12 3.79 -6.89 -20.38
CA GLY B 12 4.48 -7.19 -19.15
C GLY B 12 5.93 -6.77 -19.08
N PHE B 13 6.43 -6.07 -20.06
CA PHE B 13 7.85 -5.73 -20.10
C PHE B 13 8.01 -4.23 -19.96
N SER B 14 9.20 -3.80 -19.54
CA SER B 14 9.48 -2.37 -19.38
C SER B 14 10.97 -2.12 -19.48
N SER B 15 11.33 -0.83 -19.44
CA SER B 15 12.70 -0.37 -19.61
C SER B 15 13.34 0.04 -18.28
N THR B 16 14.61 -0.30 -18.10
CA THR B 16 15.45 0.39 -17.13
C THR B 16 16.05 1.61 -17.80
N PHE B 17 16.78 2.40 -17.03
CA PHE B 17 17.42 3.59 -17.59
C PHE B 17 18.69 3.30 -18.38
N THR B 18 19.03 2.04 -18.61
CA THR B 18 20.18 1.70 -19.45
C THR B 18 19.74 1.18 -20.80
N GLY B 19 18.44 1.25 -21.09
CA GLY B 19 17.91 0.71 -22.33
C GLY B 19 17.50 -0.73 -22.27
N GLU B 20 17.92 -1.46 -21.23
CA GLU B 20 17.57 -2.87 -21.12
C GLU B 20 16.06 -3.01 -20.99
N ARG B 21 15.55 -4.20 -21.34
CA ARG B 21 14.12 -4.48 -21.22
C ARG B 21 13.94 -5.71 -20.34
N ARG B 22 13.34 -5.50 -19.18
CA ARG B 22 13.10 -6.59 -18.26
C ARG B 22 11.62 -6.76 -18.02
N PRO B 23 11.20 -7.92 -17.52
CA PRO B 23 9.80 -8.09 -17.14
C PRO B 23 9.45 -7.20 -15.95
N LYS B 24 8.18 -6.82 -15.88
CA LYS B 24 7.81 -5.81 -14.92
C LYS B 24 7.93 -6.29 -13.48
N ASP B 25 8.11 -7.59 -13.23
CA ASP B 25 8.22 -8.10 -11.88
C ASP B 25 9.68 -8.21 -11.40
N ASP B 26 10.62 -7.52 -12.04
CA ASP B 26 12.03 -7.67 -11.71
C ASP B 26 12.41 -6.87 -10.46
N GLN B 27 13.47 -7.31 -9.77
CA GLN B 27 13.84 -6.67 -8.51
C GLN B 27 14.05 -5.15 -8.65
N VAL B 28 14.59 -4.68 -9.78
CA VAL B 28 14.73 -3.22 -9.93
C VAL B 28 13.36 -2.56 -9.97
N PHE B 29 12.40 -3.18 -10.65
CA PHE B 29 11.09 -2.54 -10.71
C PHE B 29 10.39 -2.62 -9.38
N GLU B 30 10.68 -3.65 -8.59
CA GLU B 30 10.10 -3.74 -7.25
C GLU B 30 10.66 -2.66 -6.33
N ALA B 31 11.97 -2.38 -6.39
CA ALA B 31 12.48 -1.31 -5.55
C ALA B 31 12.06 0.07 -6.07
N VAL B 32 11.98 0.24 -7.38
CA VAL B 32 11.58 1.55 -7.90
C VAL B 32 10.13 1.83 -7.51
N GLY B 33 9.27 0.84 -7.65
CA GLY B 33 7.89 1.00 -7.22
C GLY B 33 7.74 1.24 -5.73
N THR B 34 8.41 0.44 -4.90
CA THR B 34 8.28 0.69 -3.46
C THR B 34 8.78 2.09 -3.09
N THR B 35 9.86 2.55 -3.74
CA THR B 35 10.28 3.93 -3.51
C THR B 35 9.19 4.91 -3.91
N ASP B 36 8.67 4.79 -5.14
CA ASP B 36 7.53 5.57 -5.62
C ASP B 36 6.40 5.64 -4.58
N GLU B 37 6.11 4.49 -3.98
CA GLU B 37 4.99 4.37 -3.05
C GLU B 37 5.26 5.15 -1.78
N LEU B 38 6.43 4.92 -1.17
CA LEU B 38 6.85 5.70 0.00
C LEU B 38 6.75 7.19 -0.26
N SER B 39 7.17 7.64 -1.44
CA SER B 39 7.09 9.06 -1.75
C SER B 39 5.65 9.51 -1.78
N SER B 40 4.75 8.68 -2.31
CA SER B 40 3.37 9.12 -2.38
C SER B 40 2.74 9.15 -0.99
N ALA B 41 3.18 8.26 -0.10
CA ALA B 41 2.63 8.23 1.24
C ALA B 41 3.05 9.47 2.02
N ILE B 42 4.33 9.83 1.89
CA ILE B 42 4.79 11.09 2.45
C ILE B 42 4.01 12.26 1.85
N GLY B 43 3.71 12.19 0.56
CA GLY B 43 2.96 13.27 -0.04
C GLY B 43 1.56 13.42 0.54
N PHE B 44 0.91 12.29 0.85
CA PHE B 44 -0.41 12.40 1.49
C PHE B 44 -0.29 12.91 2.92
N ALA B 45 0.67 12.39 3.68
CA ALA B 45 0.92 12.93 5.02
C ALA B 45 1.14 14.42 4.97
N LEU B 46 1.86 14.91 3.95
CA LEU B 46 2.16 16.33 3.85
C LEU B 46 0.91 17.18 3.83
N GLU B 47 -0.25 16.59 3.57
CA GLU B 47 -1.45 17.40 3.48
C GLU B 47 -2.37 17.24 4.67
N LEU B 48 -1.88 16.58 5.72
CA LEU B 48 -2.49 16.65 7.03
C LEU B 48 -1.92 17.78 7.88
N VAL B 49 -0.95 18.55 7.39
CA VAL B 49 -0.52 19.72 8.15
C VAL B 49 -1.62 20.77 8.14
N THR B 50 -2.09 21.15 9.34
CA THR B 50 -3.23 22.04 9.49
C THR B 50 -2.87 23.47 9.11
N GLU B 51 -1.68 23.92 9.49
CA GLU B 51 -1.24 25.30 9.33
C GLU B 51 -0.04 25.41 8.40
N LYS B 52 0.26 26.66 8.05
CA LYS B 52 1.25 27.03 7.04
C LYS B 52 2.66 27.03 7.63
N GLY B 53 3.64 27.01 6.74
CA GLY B 53 5.02 27.34 7.09
C GLY B 53 5.66 26.48 8.16
N HIS B 54 5.36 25.19 8.18
CA HIS B 54 6.09 24.27 9.02
C HIS B 54 7.41 23.91 8.35
N THR B 55 8.49 23.87 9.13
CA THR B 55 9.77 23.48 8.56
C THR B 55 9.77 22.00 8.16
N PHE B 56 9.19 21.13 8.98
CA PHE B 56 9.23 19.73 8.62
C PHE B 56 8.43 19.44 7.36
N ALA B 57 7.51 20.32 6.96
CA ALA B 57 6.89 20.13 5.66
C ALA B 57 7.89 20.39 4.53
N GLU B 58 8.72 21.42 4.68
CA GLU B 58 9.77 21.64 3.69
C GLU B 58 10.70 20.45 3.64
N GLU B 59 11.08 19.93 4.81
CA GLU B 59 12.00 18.80 4.83
C GLU B 59 11.39 17.57 4.15
N LEU B 60 10.09 17.35 4.35
CA LEU B 60 9.46 16.20 3.70
C LEU B 60 9.45 16.37 2.18
N GLN B 61 9.06 17.53 1.68
CA GLN B 61 9.07 17.74 0.23
C GLN B 61 10.48 17.52 -0.34
N LYS B 62 11.50 17.92 0.43
CA LYS B 62 12.86 17.67 -0.01
C LYS B 62 13.16 16.17 -0.04
N ILE B 63 12.80 15.44 1.00
CA ILE B 63 12.95 13.99 0.98
C ILE B 63 12.28 13.42 -0.26
N GLN B 64 11.16 13.99 -0.67
CA GLN B 64 10.45 13.50 -1.84
C GLN B 64 11.30 13.62 -3.10
N CYS B 65 11.84 14.82 -3.33
CA CYS B 65 12.83 14.99 -4.40
C CYS B 65 13.96 13.96 -4.30
N THR B 66 14.58 13.84 -3.13
CA THR B 66 15.65 12.87 -3.00
C THR B 66 15.18 11.44 -3.32
N LEU B 67 13.91 11.12 -3.06
CA LEU B 67 13.40 9.80 -3.40
C LEU B 67 13.23 9.62 -4.89
N GLN B 68 12.88 10.69 -5.61
CA GLN B 68 12.92 10.65 -7.07
C GLN B 68 14.32 10.28 -7.56
N ASP B 69 15.35 10.92 -6.97
CA ASP B 69 16.72 10.59 -7.34
C ASP B 69 17.09 9.16 -6.97
N VAL B 70 16.56 8.68 -5.85
CA VAL B 70 16.76 7.27 -5.51
C VAL B 70 16.17 6.37 -6.59
N GLY B 71 14.94 6.67 -7.00
CA GLY B 71 14.32 5.87 -8.04
C GLY B 71 15.16 5.84 -9.31
N SER B 72 15.62 7.01 -9.75
CA SER B 72 16.50 7.06 -10.91
C SER B 72 17.71 6.17 -10.72
N ALA B 73 18.41 6.27 -9.58
CA ALA B 73 19.57 5.43 -9.34
C ALA B 73 19.23 3.94 -9.39
N LEU B 74 18.21 3.53 -8.64
CA LEU B 74 17.82 2.14 -8.61
C LEU B 74 17.53 1.60 -9.99
N ALA B 75 17.00 2.45 -10.88
CA ALA B 75 16.68 2.01 -12.23
C ALA B 75 17.91 1.97 -13.16
N THR B 76 19.11 2.19 -12.63
CA THR B 76 20.35 2.13 -13.39
C THR B 76 21.32 1.11 -12.79
N PRO B 77 21.07 -0.17 -13.02
CA PRO B 77 21.89 -1.23 -12.42
C PRO B 77 23.33 -1.19 -12.91
N CYS B 78 24.28 -1.29 -11.96
CA CYS B 78 25.68 -1.08 -12.30
C CYS B 78 26.18 -2.09 -13.32
N SER B 79 25.72 -3.35 -13.24
CA SER B 79 26.21 -4.34 -14.18
C SER B 79 25.86 -3.95 -15.61
N SER B 80 24.59 -3.62 -15.86
CA SER B 80 24.22 -3.10 -17.18
C SER B 80 24.92 -1.80 -17.51
N ALA B 81 25.38 -1.07 -16.49
CA ALA B 81 26.16 0.14 -16.76
C ALA B 81 27.52 -0.20 -17.36
N ARG B 82 28.17 -1.27 -16.90
CA ARG B 82 29.42 -1.63 -17.58
C ARG B 82 29.21 -2.51 -18.81
N GLU B 83 28.02 -3.11 -18.98
CA GLU B 83 27.66 -3.80 -20.21
C GLU B 83 27.23 -2.83 -21.32
N ALA B 84 26.83 -1.62 -20.94
CA ALA B 84 26.37 -0.59 -21.89
C ALA B 84 27.34 0.57 -22.01
N HIS B 85 28.53 0.45 -21.42
CA HIS B 85 29.58 1.49 -21.48
C HIS B 85 29.07 2.84 -20.99
N LEU B 86 28.19 2.83 -20.00
CA LEU B 86 27.63 4.06 -19.41
C LEU B 86 28.52 4.54 -18.26
N LYS B 87 28.16 5.68 -17.68
CA LYS B 87 28.89 6.22 -16.53
C LYS B 87 28.63 5.35 -15.29
N TYR B 88 29.08 5.83 -14.12
CA TYR B 88 29.04 4.97 -12.93
C TYR B 88 27.76 5.11 -12.15
N THR B 89 27.04 6.23 -12.28
CA THR B 89 25.77 6.46 -11.60
C THR B 89 25.93 6.36 -10.09
N THR B 90 26.50 7.40 -9.49
CA THR B 90 26.78 7.40 -8.07
C THR B 90 25.64 8.05 -7.29
N PHE B 91 25.55 7.71 -6.02
CA PHE B 91 24.63 8.36 -5.10
C PHE B 91 25.43 9.08 -4.02
N LYS B 92 25.21 10.39 -3.92
CA LYS B 92 25.99 11.24 -3.05
C LYS B 92 25.53 11.10 -1.61
N ALA B 93 26.39 11.46 -0.68
CA ALA B 93 26.08 11.31 0.74
C ALA B 93 25.40 12.54 1.36
N GLY B 94 25.21 13.62 0.59
CA GLY B 94 24.61 14.83 1.10
C GLY B 94 23.32 14.64 1.86
N PRO B 95 22.33 14.03 1.22
CA PRO B 95 21.03 13.84 1.90
C PRO B 95 21.12 13.04 3.19
N ILE B 96 21.99 12.04 3.27
CA ILE B 96 22.10 11.27 4.50
C ILE B 96 22.58 12.16 5.64
N LEU B 97 23.63 12.94 5.39
CA LEU B 97 24.15 13.83 6.42
C LEU B 97 23.10 14.85 6.83
N GLU B 98 22.35 15.38 5.86
CA GLU B 98 21.24 16.27 6.18
C GLU B 98 20.22 15.59 7.08
N LEU B 99 19.76 14.39 6.69
CA LEU B 99 18.80 13.66 7.51
C LEU B 99 19.32 13.45 8.91
N GLU B 100 20.62 13.18 9.05
CA GLU B 100 21.15 12.97 10.38
C GLU B 100 21.07 14.26 11.17
N GLN B 101 21.36 15.39 10.53
CA GLN B 101 21.22 16.70 11.19
C GLN B 101 19.79 16.91 11.71
N TRP B 102 18.80 16.71 10.83
CA TRP B 102 17.41 16.91 11.24
C TRP B 102 17.01 15.94 12.36
N ILE B 103 17.48 14.69 12.27
CA ILE B 103 17.21 13.73 13.31
C ILE B 103 17.71 14.25 14.65
N ASP B 104 18.94 14.77 14.67
CA ASP B 104 19.49 15.31 15.92
C ASP B 104 18.65 16.46 16.43
N LYS B 105 18.25 17.36 15.53
CA LYS B 105 17.46 18.52 15.93
C LYS B 105 16.16 18.11 16.61
N TYR B 106 15.47 17.10 16.07
CA TYR B 106 14.24 16.71 16.75
C TYR B 106 14.53 15.88 17.99
N THR B 107 15.47 14.94 17.88
CA THR B 107 15.82 14.10 19.02
C THR B 107 16.09 14.92 20.25
N SER B 108 16.86 16.00 20.10
CA SER B 108 17.26 16.76 21.26
C SER B 108 16.09 17.49 21.94
N GLN B 109 14.89 17.47 21.35
CA GLN B 109 13.75 18.24 21.85
C GLN B 109 12.65 17.39 22.49
N LEU B 110 12.72 16.07 22.44
CA LEU B 110 11.61 15.30 22.95
C LEU B 110 12.05 14.43 24.11
N PRO B 111 11.13 14.10 24.98
CA PRO B 111 11.45 13.32 26.16
C PRO B 111 11.96 12.02 25.74
N PRO B 112 12.98 11.51 26.39
CA PRO B 112 13.54 10.22 26.02
C PRO B 112 12.49 9.17 26.06
N LEU B 113 12.79 8.02 25.52
CA LEU B 113 11.82 6.98 25.44
C LEU B 113 12.44 5.69 25.76
N THR B 114 11.82 4.93 26.62
CA THR B 114 12.36 3.63 26.95
C THR B 114 11.43 2.54 26.44
N ALA B 115 10.16 2.92 26.28
CA ALA B 115 9.10 2.03 25.88
C ALA B 115 8.86 1.87 24.40
N PHE B 116 8.12 0.82 24.08
CA PHE B 116 7.75 0.55 22.74
C PHE B 116 6.45 1.26 22.63
N ILE B 117 6.30 2.06 21.62
CA ILE B 117 5.08 2.83 21.43
C ILE B 117 4.26 2.24 20.29
N LEU B 118 2.97 2.35 20.44
CA LEU B 118 2.03 2.02 19.40
C LEU B 118 1.91 3.18 18.43
N PRO B 119 1.79 2.92 17.13
CA PRO B 119 1.58 4.01 16.18
C PRO B 119 0.31 4.76 16.51
N SER B 120 0.45 6.07 16.75
CA SER B 120 -0.65 6.95 17.18
C SER B 120 -0.09 8.35 17.35
N GLY B 121 -0.82 9.22 18.03
CA GLY B 121 -0.34 10.56 18.32
C GLY B 121 -0.92 11.68 17.47
N GLY B 122 -2.13 11.53 16.93
CA GLY B 122 -2.71 12.48 16.01
C GLY B 122 -2.57 12.03 14.57
N LYS B 123 -3.16 12.81 13.65
CA LYS B 123 -3.18 12.38 12.25
C LYS B 123 -1.80 12.46 11.61
N ILE B 124 -1.09 13.57 11.81
CA ILE B 124 0.26 13.67 11.26
C ILE B 124 1.13 12.54 11.79
N SER B 125 1.08 12.32 13.11
CA SER B 125 1.98 11.35 13.72
C SER B 125 1.75 9.95 13.17
N SER B 126 0.51 9.48 13.26
CA SER B 126 0.18 8.15 12.75
C SER B 126 0.48 8.05 11.27
N ALA B 127 0.24 9.12 10.52
CA ALA B 127 0.52 9.04 9.10
C ALA B 127 2.00 8.86 8.86
N LEU B 128 2.83 9.58 9.63
CA LEU B 128 4.27 9.40 9.46
C LEU B 128 4.72 8.01 9.92
N HIS B 129 4.03 7.38 10.88
CA HIS B 129 4.38 6.00 11.23
C HIS B 129 4.09 5.04 10.08
N PHE B 130 2.98 5.26 9.37
CA PHE B 130 2.71 4.49 8.17
C PHE B 130 3.82 4.69 7.14
N CYS B 131 4.17 5.96 6.88
CA CYS B 131 5.33 6.26 6.04
C CYS B 131 6.56 5.50 6.50
N ARG B 132 6.74 5.36 7.81
CA ARG B 132 7.92 4.67 8.30
C ARG B 132 7.88 3.19 7.91
N ALA B 133 6.71 2.55 8.02
CA ALA B 133 6.65 1.12 7.71
C ALA B 133 6.91 0.89 6.22
N VAL B 134 6.34 1.76 5.38
CA VAL B 134 6.56 1.65 3.94
C VAL B 134 8.03 1.90 3.61
N CYS B 135 8.67 2.85 4.31
CA CYS B 135 10.07 3.14 4.05
C CYS B 135 10.93 1.94 4.38
N ARG B 136 10.59 1.23 5.44
CA ARG B 136 11.33 0.02 5.74
C ARG B 136 11.14 -1.02 4.64
N ARG B 137 9.94 -1.11 4.10
CA ARG B 137 9.75 -2.07 3.01
C ARG B 137 10.63 -1.69 1.82
N ALA B 138 10.76 -0.41 1.54
CA ALA B 138 11.68 0.01 0.48
C ALA B 138 13.12 -0.41 0.80
N GLU B 139 13.57 -0.15 2.02
CA GLU B 139 14.91 -0.58 2.38
C GLU B 139 15.09 -2.08 2.13
N ARG B 140 14.04 -2.86 2.43
CA ARG B 140 14.17 -4.30 2.29
C ARG B 140 14.14 -4.73 0.84
N ARG B 141 13.50 -3.93 -0.02
CA ARG B 141 13.56 -4.18 -1.45
C ARG B 141 14.88 -3.72 -2.07
N VAL B 142 15.59 -2.82 -1.41
CA VAL B 142 16.82 -2.31 -1.99
C VAL B 142 18.04 -3.12 -1.55
N VAL B 143 18.04 -3.72 -0.36
CA VAL B 143 19.26 -4.39 0.07
C VAL B 143 19.64 -5.60 -0.79
N PRO B 144 18.72 -6.37 -1.36
CA PRO B 144 19.18 -7.36 -2.35
C PRO B 144 19.92 -6.73 -3.52
N LEU B 145 19.47 -5.57 -4.00
CA LEU B 145 20.17 -4.93 -5.11
C LEU B 145 21.59 -4.52 -4.72
N VAL B 146 21.86 -4.24 -3.43
CA VAL B 146 23.24 -3.88 -3.11
C VAL B 146 24.05 -5.14 -2.84
N GLN B 147 23.43 -6.20 -2.32
CA GLN B 147 24.16 -7.45 -2.20
C GLN B 147 24.65 -7.93 -3.55
N MET B 148 23.91 -7.69 -4.62
CA MET B 148 24.28 -8.14 -5.96
C MET B 148 25.19 -7.17 -6.68
N GLY B 149 25.41 -5.98 -6.14
CA GLY B 149 26.27 -5.01 -6.77
C GLY B 149 25.64 -4.16 -7.84
N GLU B 150 24.32 -4.01 -7.85
CA GLU B 150 23.66 -3.22 -8.87
C GLU B 150 23.34 -1.81 -8.43
N THR B 151 23.28 -1.55 -7.13
CA THR B 151 22.94 -0.20 -6.70
C THR B 151 23.88 0.24 -5.59
N ASP B 152 24.28 1.50 -5.65
CA ASP B 152 25.19 2.06 -4.65
C ASP B 152 24.62 1.90 -3.25
N ALA B 153 25.48 1.53 -2.30
CA ALA B 153 24.99 1.23 -0.95
C ALA B 153 24.51 2.47 -0.20
N ASN B 154 24.95 3.66 -0.61
CA ASN B 154 24.35 4.86 -0.03
C ASN B 154 22.83 4.87 -0.17
N VAL B 155 22.28 4.27 -1.22
CA VAL B 155 20.83 4.28 -1.40
C VAL B 155 20.15 3.54 -0.26
N ALA B 156 20.67 2.36 0.05
CA ALA B 156 20.13 1.64 1.21
C ALA B 156 20.33 2.43 2.49
N LYS B 157 21.56 2.94 2.74
CA LYS B 157 21.78 3.73 3.95
C LYS B 157 20.81 4.92 4.04
N PHE B 158 20.54 5.58 2.93
CA PHE B 158 19.62 6.71 3.01
C PHE B 158 18.22 6.26 3.37
N LEU B 159 17.76 5.13 2.81
CA LEU B 159 16.45 4.65 3.24
C LEU B 159 16.44 4.28 4.72
N ASN B 160 17.59 3.79 5.22
CA ASN B 160 17.62 3.34 6.60
C ASN B 160 17.62 4.51 7.57
N ARG B 161 18.33 5.59 7.25
CA ARG B 161 18.21 6.79 8.08
C ARG B 161 16.92 7.57 7.81
N LEU B 162 16.27 7.35 6.67
CA LEU B 162 14.96 7.97 6.48
C LEU B 162 13.92 7.33 7.38
N SER B 163 14.04 6.04 7.67
CA SER B 163 13.08 5.48 8.61
C SER B 163 13.27 6.08 10.01
N ASP B 164 14.52 6.26 10.43
CA ASP B 164 14.78 6.90 11.72
C ASP B 164 14.25 8.33 11.74
N TYR B 165 14.45 9.06 10.66
CA TYR B 165 13.93 10.42 10.60
C TYR B 165 12.42 10.42 10.75
N LEU B 166 11.72 9.57 10.00
CA LEU B 166 10.26 9.57 10.10
C LEU B 166 9.79 9.21 11.51
N PHE B 167 10.49 8.29 12.19
CA PHE B 167 10.05 7.93 13.54
C PHE B 167 10.21 9.09 14.50
N THR B 168 11.39 9.73 14.48
CA THR B 168 11.56 10.84 15.40
C THR B 168 10.67 12.03 15.01
N LEU B 169 10.40 12.23 13.72
CA LEU B 169 9.45 13.27 13.34
C LEU B 169 8.05 12.94 13.80
N ALA B 170 7.67 11.66 13.86
CA ALA B 170 6.33 11.37 14.37
C ALA B 170 6.26 11.65 15.86
N ARG B 171 7.32 11.34 16.61
CA ARG B 171 7.30 11.69 18.02
C ARG B 171 7.23 13.19 18.21
N TYR B 172 7.91 13.94 17.33
CA TYR B 172 7.95 15.38 17.44
C TYR B 172 6.60 15.99 17.11
N ALA B 173 5.93 15.46 16.09
CA ALA B 173 4.57 15.92 15.81
C ALA B 173 3.64 15.63 16.97
N ALA B 174 3.69 14.40 17.50
CA ALA B 174 2.83 14.05 18.63
C ALA B 174 3.09 14.98 19.79
N MET B 175 4.35 15.34 20.04
CA MET B 175 4.65 16.21 21.17
C MET B 175 4.10 17.61 20.94
N LYS B 176 4.33 18.18 19.76
CA LYS B 176 3.86 19.55 19.53
C LYS B 176 2.35 19.62 19.57
N GLU B 177 1.66 18.53 19.22
CA GLU B 177 0.19 18.56 19.32
C GLU B 177 -0.32 18.42 20.75
N GLY B 178 0.44 17.83 21.66
CA GLY B 178 -0.10 17.49 22.95
C GLY B 178 -0.80 16.15 23.00
N ASN B 179 -0.76 15.38 21.93
CA ASN B 179 -1.11 13.97 21.97
C ASN B 179 -0.01 13.19 22.68
N GLN B 180 -0.41 12.16 23.39
CA GLN B 180 0.56 11.25 24.00
C GLN B 180 0.58 9.95 23.23
N GLU B 181 1.78 9.49 22.89
CA GLU B 181 1.89 8.21 22.21
C GLU B 181 1.49 7.13 23.20
N LYS B 182 0.64 6.21 22.75
CA LYS B 182 0.22 5.09 23.58
C LYS B 182 1.34 4.06 23.73
N ILE B 183 1.42 3.47 24.91
CA ILE B 183 2.47 2.51 25.24
C ILE B 183 1.83 1.15 25.56
N TYR B 184 2.67 0.13 25.65
CA TYR B 184 2.24 -1.15 26.20
C TYR B 184 3.43 -2.06 26.42
N ASP C 10 -7.97 -25.73 4.91
CA ASP C 10 -6.79 -25.96 5.74
C ASP C 10 -6.30 -24.63 6.29
N LYS C 11 -5.34 -24.72 7.21
CA LYS C 11 -4.66 -23.55 7.77
C LYS C 11 -3.28 -23.42 7.13
N GLY C 12 -3.01 -22.25 6.56
CA GLY C 12 -1.91 -22.09 5.66
C GLY C 12 -2.25 -22.28 4.20
N PHE C 13 -3.31 -23.03 3.90
CA PHE C 13 -3.74 -23.30 2.53
C PHE C 13 -5.07 -22.60 2.26
N SER C 14 -5.41 -22.48 0.98
CA SER C 14 -6.76 -22.13 0.57
C SER C 14 -6.87 -22.36 -0.93
N SER C 15 -8.05 -22.09 -1.48
CA SER C 15 -8.44 -22.60 -2.78
C SER C 15 -8.59 -21.49 -3.81
N THR C 16 -8.44 -21.88 -5.07
CA THR C 16 -8.78 -21.10 -6.25
C THR C 16 -10.21 -21.43 -6.66
N PHE C 17 -10.78 -20.59 -7.52
CA PHE C 17 -12.17 -20.80 -7.93
C PHE C 17 -12.38 -22.13 -8.68
N THR C 18 -11.32 -22.75 -9.18
CA THR C 18 -11.40 -24.00 -9.91
C THR C 18 -11.20 -25.22 -9.03
N GLY C 19 -10.83 -25.02 -7.77
CA GLY C 19 -10.68 -26.09 -6.82
C GLY C 19 -9.25 -26.44 -6.48
N GLU C 20 -8.29 -25.79 -7.12
CA GLU C 20 -6.91 -26.04 -6.75
C GLU C 20 -6.68 -25.51 -5.35
N ARG C 21 -6.10 -26.35 -4.49
N ARG C 21 -6.16 -26.36 -4.47
CA ARG C 21 -5.72 -25.97 -3.14
CA ARG C 21 -5.75 -25.92 -3.14
C ARG C 21 -4.22 -25.69 -3.12
C ARG C 21 -4.25 -25.67 -3.17
N ARG C 22 -3.85 -24.46 -2.82
CA ARG C 22 -2.47 -24.03 -2.82
C ARG C 22 -2.11 -23.37 -1.50
N PRO C 23 -0.84 -23.28 -1.16
CA PRO C 23 -0.44 -22.56 0.04
C PRO C 23 -0.68 -21.06 -0.09
N LYS C 24 -1.15 -20.44 1.00
CA LYS C 24 -1.62 -19.07 0.98
C LYS C 24 -0.64 -18.06 0.40
N ASP C 25 0.61 -18.44 0.13
CA ASP C 25 1.56 -17.47 -0.41
C ASP C 25 1.85 -17.72 -1.89
N ASP C 26 0.90 -18.30 -2.61
CA ASP C 26 1.04 -18.55 -4.03
C ASP C 26 1.02 -17.23 -4.79
N GLN C 27 1.51 -17.27 -6.04
CA GLN C 27 1.49 -16.07 -6.87
C GLN C 27 0.06 -15.54 -7.02
N VAL C 28 -0.90 -16.44 -7.16
CA VAL C 28 -2.28 -16.02 -7.38
C VAL C 28 -2.84 -15.31 -6.15
N PHE C 29 -2.53 -15.81 -4.95
CA PHE C 29 -3.02 -15.17 -3.73
C PHE C 29 -2.36 -13.78 -3.52
N GLU C 30 -1.07 -13.63 -3.85
CA GLU C 30 -0.46 -12.31 -3.82
C GLU C 30 -1.11 -11.40 -4.86
N ALA C 31 -1.45 -11.94 -6.02
CA ALA C 31 -2.08 -11.16 -7.07
C ALA C 31 -3.46 -10.67 -6.65
N VAL C 32 -4.30 -11.59 -6.21
CA VAL C 32 -5.66 -11.19 -5.91
C VAL C 32 -5.67 -10.31 -4.66
N GLY C 33 -4.77 -10.57 -3.70
CA GLY C 33 -4.67 -9.73 -2.52
C GLY C 33 -4.19 -8.32 -2.82
N THR C 34 -3.26 -8.17 -3.76
CA THR C 34 -2.82 -6.82 -4.12
C THR C 34 -3.88 -6.12 -4.96
N THR C 35 -4.66 -6.88 -5.71
CA THR C 35 -5.80 -6.29 -6.40
C THR C 35 -6.81 -5.74 -5.39
N ASP C 36 -7.05 -6.52 -4.32
CA ASP C 36 -7.89 -6.11 -3.18
C ASP C 36 -7.35 -4.84 -2.51
N GLU C 37 -6.04 -4.81 -2.23
CA GLU C 37 -5.45 -3.64 -1.61
C GLU C 37 -5.70 -2.40 -2.45
N LEU C 38 -5.50 -2.52 -3.77
CA LEU C 38 -5.77 -1.42 -4.67
C LEU C 38 -7.22 -0.97 -4.60
N SER C 39 -8.15 -1.92 -4.66
CA SER C 39 -9.57 -1.56 -4.64
C SER C 39 -9.90 -0.80 -3.36
N SER C 40 -9.30 -1.23 -2.24
CA SER C 40 -9.56 -0.59 -0.97
C SER C 40 -8.89 0.79 -0.86
N ALA C 41 -7.69 0.94 -1.43
CA ALA C 41 -7.08 2.27 -1.47
C ALA C 41 -7.96 3.22 -2.25
N ILE C 42 -8.47 2.77 -3.41
CA ILE C 42 -9.40 3.59 -4.17
C ILE C 42 -10.63 3.90 -3.33
N GLY C 43 -11.08 2.94 -2.53
CA GLY C 43 -12.26 3.17 -1.69
C GLY C 43 -12.07 4.32 -0.70
N PHE C 44 -10.94 4.32 0.00
CA PHE C 44 -10.67 5.45 0.89
C PHE C 44 -10.56 6.76 0.11
N ALA C 45 -9.83 6.72 -1.01
CA ALA C 45 -9.71 7.93 -1.82
C ALA C 45 -11.10 8.48 -2.17
N LEU C 46 -12.01 7.58 -2.54
CA LEU C 46 -13.36 7.98 -2.87
C LEU C 46 -14.06 8.59 -1.66
N GLU C 47 -13.90 7.99 -0.48
CA GLU C 47 -14.49 8.60 0.72
C GLU C 47 -13.95 9.99 0.98
N LEU C 48 -12.88 10.39 0.29
CA LEU C 48 -12.37 11.76 0.45
C LEU C 48 -13.04 12.79 -0.44
N VAL C 49 -13.97 12.41 -1.32
CA VAL C 49 -14.69 13.44 -2.04
C VAL C 49 -15.81 13.95 -1.13
N THR C 50 -15.74 15.22 -0.76
CA THR C 50 -16.74 15.77 0.13
C THR C 50 -17.96 16.25 -0.65
N GLU C 51 -17.73 16.86 -1.81
CA GLU C 51 -18.81 17.40 -2.62
C GLU C 51 -19.33 16.31 -3.56
N LYS C 52 -20.65 16.12 -3.58
CA LYS C 52 -21.32 15.07 -4.35
C LYS C 52 -21.54 15.48 -5.81
N GLY C 53 -21.89 14.48 -6.62
CA GLY C 53 -22.18 14.64 -8.03
C GLY C 53 -20.98 14.59 -8.96
N HIS C 54 -19.78 14.37 -8.44
CA HIS C 54 -18.57 14.40 -9.27
C HIS C 54 -18.50 13.13 -10.09
N THR C 55 -18.43 13.29 -11.42
CA THR C 55 -18.47 12.12 -12.30
C THR C 55 -17.29 11.18 -12.04
N PHE C 56 -16.12 11.71 -11.66
CA PHE C 56 -15.01 10.80 -11.43
C PHE C 56 -15.23 9.95 -10.18
N ALA C 57 -16.13 10.32 -9.29
CA ALA C 57 -16.51 9.39 -8.24
C ALA C 57 -17.15 8.15 -8.85
N GLU C 58 -18.03 8.37 -9.84
CA GLU C 58 -18.65 7.25 -10.56
C GLU C 58 -17.59 6.44 -11.29
N GLU C 59 -16.58 7.11 -11.86
CA GLU C 59 -15.56 6.38 -12.60
C GLU C 59 -14.74 5.49 -11.66
N LEU C 60 -14.32 6.01 -10.52
CA LEU C 60 -13.58 5.19 -9.57
C LEU C 60 -14.42 4.02 -9.07
N GLN C 61 -15.74 4.20 -8.97
CA GLN C 61 -16.56 3.07 -8.56
C GLN C 61 -16.64 2.01 -9.66
N LYS C 62 -16.78 2.43 -10.92
CA LYS C 62 -16.72 1.47 -12.02
C LYS C 62 -15.41 0.70 -12.00
N ILE C 63 -14.32 1.40 -11.69
CA ILE C 63 -13.03 0.74 -11.63
C ILE C 63 -13.00 -0.28 -10.50
N GLN C 64 -13.60 0.06 -9.35
CA GLN C 64 -13.69 -0.93 -8.27
C GLN C 64 -14.40 -2.18 -8.73
N CYS C 65 -15.50 -2.01 -9.48
CA CYS C 65 -16.20 -3.17 -10.01
C CYS C 65 -15.31 -3.95 -10.95
N THR C 66 -14.68 -3.25 -11.88
CA THR C 66 -13.82 -3.92 -12.83
C THR C 66 -12.76 -4.71 -12.09
N LEU C 67 -12.26 -4.17 -10.99
CA LEU C 67 -11.23 -4.83 -10.22
C LEU C 67 -11.75 -6.09 -9.55
N GLN C 68 -12.99 -6.05 -9.04
CA GLN C 68 -13.60 -7.31 -8.60
C GLN C 68 -13.67 -8.32 -9.75
N ASP C 69 -13.87 -7.85 -10.98
CA ASP C 69 -13.85 -8.75 -12.12
C ASP C 69 -12.44 -9.29 -12.38
N VAL C 70 -11.41 -8.45 -12.25
CA VAL C 70 -10.08 -9.01 -12.44
C VAL C 70 -9.75 -9.96 -11.30
N GLY C 71 -10.32 -9.73 -10.13
CA GLY C 71 -10.11 -10.68 -9.06
C GLY C 71 -10.64 -12.04 -9.42
N SER C 72 -11.83 -12.10 -10.01
CA SER C 72 -12.35 -13.39 -10.45
C SER C 72 -11.45 -13.99 -11.54
N ALA C 73 -10.98 -13.16 -12.48
CA ALA C 73 -10.17 -13.71 -13.55
C ALA C 73 -8.88 -14.31 -12.99
N LEU C 74 -8.27 -13.65 -12.01
CA LEU C 74 -7.00 -14.13 -11.45
C LEU C 74 -7.18 -15.37 -10.61
N ALA C 75 -8.38 -15.59 -10.10
CA ALA C 75 -8.70 -16.74 -9.28
C ALA C 75 -9.17 -17.94 -10.10
N THR C 76 -9.15 -17.84 -11.43
CA THR C 76 -9.49 -18.96 -12.31
C THR C 76 -8.35 -19.21 -13.31
N PRO C 77 -7.36 -20.01 -12.91
CA PRO C 77 -6.25 -20.29 -13.82
C PRO C 77 -6.71 -20.94 -15.11
N CYS C 78 -6.07 -20.55 -16.21
CA CYS C 78 -6.48 -21.10 -17.49
C CYS C 78 -6.18 -22.60 -17.57
N SER C 79 -5.12 -23.03 -16.89
CA SER C 79 -4.72 -24.43 -16.88
C SER C 79 -5.73 -25.36 -16.20
N SER C 80 -6.67 -24.83 -15.42
CA SER C 80 -7.67 -25.67 -14.78
C SER C 80 -9.10 -25.23 -15.08
N ALA C 81 -9.27 -24.22 -15.94
CA ALA C 81 -10.58 -23.64 -16.21
C ALA C 81 -11.41 -24.56 -17.10
N ARG C 82 -12.50 -25.09 -16.54
CA ARG C 82 -13.47 -25.86 -17.30
C ARG C 82 -14.30 -24.91 -18.18
N GLU C 83 -15.37 -25.44 -18.77
CA GLU C 83 -16.13 -24.66 -19.75
C GLU C 83 -16.98 -23.61 -19.06
N ALA C 84 -17.66 -24.00 -17.98
CA ALA C 84 -18.45 -23.05 -17.22
C ALA C 84 -17.64 -21.84 -16.80
N HIS C 85 -16.35 -22.02 -16.50
CA HIS C 85 -15.45 -20.94 -16.10
C HIS C 85 -15.02 -20.04 -17.23
N LEU C 86 -15.47 -20.27 -18.47
CA LEU C 86 -14.90 -19.57 -19.60
C LEU C 86 -15.13 -18.07 -19.49
N LYS C 87 -16.32 -17.67 -19.01
CA LYS C 87 -16.68 -16.25 -18.95
C LYS C 87 -15.82 -15.47 -17.98
N TYR C 88 -14.94 -16.14 -17.23
CA TYR C 88 -14.03 -15.49 -16.29
C TYR C 88 -12.59 -15.45 -16.78
N THR C 89 -12.16 -16.49 -17.51
CA THR C 89 -10.81 -16.44 -18.06
C THR C 89 -10.71 -15.39 -19.13
N THR C 90 -11.72 -15.25 -19.98
CA THR C 90 -11.67 -14.25 -21.03
C THR C 90 -12.11 -12.91 -20.43
N PHE C 91 -11.20 -11.94 -20.47
CA PHE C 91 -11.43 -10.62 -19.90
C PHE C 91 -11.55 -9.60 -21.05
N LYS C 92 -12.78 -9.28 -21.44
CA LYS C 92 -13.00 -8.39 -22.58
C LYS C 92 -12.32 -7.06 -22.35
N ALA C 93 -11.80 -6.48 -23.43
CA ALA C 93 -10.98 -5.27 -23.34
C ALA C 93 -11.79 -3.99 -23.16
N GLY C 94 -13.11 -4.06 -23.15
CA GLY C 94 -13.94 -2.88 -23.01
C GLY C 94 -13.52 -1.89 -21.93
N PRO C 95 -13.35 -2.35 -20.69
CA PRO C 95 -12.93 -1.40 -19.63
C PRO C 95 -11.66 -0.65 -19.99
N ILE C 96 -10.74 -1.31 -20.69
CA ILE C 96 -9.51 -0.64 -21.09
C ILE C 96 -9.84 0.57 -21.96
N LEU C 97 -10.70 0.36 -22.97
CA LEU C 97 -11.05 1.48 -23.84
C LEU C 97 -11.68 2.59 -23.02
N GLU C 98 -12.56 2.24 -22.07
CA GLU C 98 -13.15 3.27 -21.22
C GLU C 98 -12.05 4.14 -20.62
N LEU C 99 -11.05 3.49 -20.01
CA LEU C 99 -9.96 4.25 -19.39
C LEU C 99 -9.33 5.20 -20.39
N GLU C 100 -9.03 4.68 -21.59
CA GLU C 100 -8.37 5.52 -22.58
C GLU C 100 -9.22 6.75 -22.87
N GLN C 101 -10.52 6.53 -23.10
CA GLN C 101 -11.44 7.64 -23.32
C GLN C 101 -11.41 8.63 -22.17
N TRP C 102 -11.53 8.13 -20.93
CA TRP C 102 -11.54 9.06 -19.79
C TRP C 102 -10.25 9.85 -19.73
N ILE C 103 -9.13 9.19 -20.00
CA ILE C 103 -7.86 9.92 -19.94
C ILE C 103 -7.86 11.02 -20.99
N ASP C 104 -8.33 10.70 -22.21
CA ASP C 104 -8.40 11.75 -23.22
C ASP C 104 -9.28 12.90 -22.73
N LYS C 105 -10.41 12.56 -22.09
CA LYS C 105 -11.29 13.59 -21.57
C LYS C 105 -10.55 14.55 -20.68
N TYR C 106 -9.75 14.01 -19.74
CA TYR C 106 -9.11 14.90 -18.78
C TYR C 106 -7.95 15.64 -19.39
N THR C 107 -7.25 15.02 -20.35
CA THR C 107 -6.07 15.64 -20.92
C THR C 107 -6.40 16.93 -21.67
N SER C 108 -7.53 16.96 -22.38
CA SER C 108 -7.96 18.18 -23.06
C SER C 108 -8.25 19.31 -22.08
N GLN C 109 -8.48 18.99 -20.80
CA GLN C 109 -8.79 20.01 -19.80
C GLN C 109 -7.59 20.42 -18.97
N LEU C 110 -6.43 19.77 -19.15
CA LEU C 110 -5.25 20.01 -18.32
C LEU C 110 -4.20 20.76 -19.11
N PRO C 111 -3.38 21.57 -18.45
CA PRO C 111 -2.26 22.21 -19.14
C PRO C 111 -1.24 21.17 -19.58
N PRO C 112 -0.43 21.49 -20.59
CA PRO C 112 0.56 20.52 -21.06
C PRO C 112 1.60 20.24 -19.97
N LEU C 113 1.92 18.95 -19.80
CA LEU C 113 2.82 18.53 -18.75
C LEU C 113 4.24 18.56 -19.26
N THR C 114 5.14 19.18 -18.51
CA THR C 114 6.48 19.36 -18.98
C THR C 114 7.57 19.03 -17.96
N ALA C 115 7.20 18.68 -16.72
CA ALA C 115 8.20 18.43 -15.71
C ALA C 115 7.78 17.25 -14.87
N PHE C 116 8.69 16.82 -14.00
CA PHE C 116 8.36 15.73 -13.09
C PHE C 116 7.55 16.29 -11.93
N ILE C 117 6.44 15.66 -11.66
CA ILE C 117 5.55 16.09 -10.60
C ILE C 117 5.84 15.26 -9.36
N LEU C 118 5.83 15.86 -8.28
CA LEU C 118 5.86 15.13 -7.02
C LEU C 118 4.44 14.84 -6.54
N PRO C 119 4.21 13.75 -5.82
CA PRO C 119 2.86 13.48 -5.31
C PRO C 119 2.44 14.63 -4.41
N SER C 120 1.36 15.30 -4.77
CA SER C 120 0.90 16.49 -4.06
C SER C 120 -0.44 16.94 -4.65
N GLY C 121 -0.87 18.15 -4.29
CA GLY C 121 -2.00 18.82 -4.93
C GLY C 121 -3.37 18.62 -4.31
N GLY C 122 -3.47 18.61 -2.99
CA GLY C 122 -4.76 18.40 -2.36
C GLY C 122 -4.94 16.96 -1.92
N LYS C 123 -5.80 16.76 -0.91
CA LYS C 123 -5.92 15.40 -0.36
C LYS C 123 -6.36 14.37 -1.41
N ILE C 124 -7.34 14.72 -2.25
CA ILE C 124 -7.74 13.78 -3.29
C ILE C 124 -6.57 13.47 -4.21
N SER C 125 -5.83 14.50 -4.63
CA SER C 125 -4.74 14.26 -5.56
C SER C 125 -3.69 13.36 -4.92
N SER C 126 -3.38 13.59 -3.65
CA SER C 126 -2.39 12.75 -2.99
C SER C 126 -2.89 11.32 -2.89
N ALA C 127 -4.15 11.15 -2.48
CA ALA C 127 -4.71 9.82 -2.39
C ALA C 127 -4.65 9.11 -3.73
N LEU C 128 -4.84 9.83 -4.82
CA LEU C 128 -4.77 9.19 -6.13
C LEU C 128 -3.33 8.81 -6.49
N HIS C 129 -2.35 9.61 -6.11
CA HIS C 129 -0.96 9.22 -6.34
C HIS C 129 -0.61 7.96 -5.52
N PHE C 130 -1.13 7.88 -4.30
CA PHE C 130 -0.94 6.67 -3.53
C PHE C 130 -1.60 5.48 -4.23
N CYS C 131 -2.85 5.68 -4.69
CA CYS C 131 -3.54 4.62 -5.41
C CYS C 131 -2.76 4.17 -6.64
N ARG C 132 -2.23 5.12 -7.40
CA ARG C 132 -1.40 4.76 -8.56
C ARG C 132 -0.23 3.87 -8.16
N ALA C 133 0.51 4.23 -7.10
CA ALA C 133 1.62 3.38 -6.70
C ALA C 133 1.14 1.98 -6.31
N VAL C 134 0.02 1.90 -5.60
CA VAL C 134 -0.52 0.59 -5.27
C VAL C 134 -0.94 -0.15 -6.53
N CYS C 135 -1.47 0.58 -7.50
CA CYS C 135 -1.89 -0.03 -8.75
C CYS C 135 -0.70 -0.65 -9.48
N ARG C 136 0.41 0.07 -9.51
CA ARG C 136 1.60 -0.46 -10.16
C ARG C 136 2.17 -1.63 -9.40
N ARG C 137 2.03 -1.65 -8.07
CA ARG C 137 2.41 -2.88 -7.38
C ARG C 137 1.54 -4.04 -7.82
N ALA C 138 0.24 -3.80 -7.95
CA ALA C 138 -0.61 -4.90 -8.43
C ALA C 138 -0.18 -5.34 -9.82
N GLU C 139 0.20 -4.39 -10.69
CA GLU C 139 0.62 -4.75 -12.03
C GLU C 139 1.84 -5.67 -11.98
N ARG C 140 2.80 -5.34 -11.11
CA ARG C 140 3.94 -6.23 -10.89
C ARG C 140 3.51 -7.59 -10.33
N ARG C 141 2.44 -7.65 -9.55
CA ARG C 141 2.10 -8.97 -9.02
C ARG C 141 1.30 -9.81 -10.01
N VAL C 142 0.66 -9.18 -10.97
CA VAL C 142 -0.14 -9.86 -11.98
C VAL C 142 0.68 -10.31 -13.19
N VAL C 143 1.70 -9.53 -13.58
CA VAL C 143 2.48 -9.84 -14.77
C VAL C 143 3.02 -11.28 -14.74
N PRO C 144 3.52 -11.80 -13.63
CA PRO C 144 3.99 -13.20 -13.63
C PRO C 144 2.91 -14.20 -14.02
N LEU C 145 1.66 -13.99 -13.60
CA LEU C 145 0.60 -14.90 -14.02
C LEU C 145 0.35 -14.80 -15.52
N VAL C 146 0.38 -13.60 -16.07
CA VAL C 146 0.12 -13.43 -17.50
C VAL C 146 1.21 -14.07 -18.33
N GLN C 147 2.47 -13.84 -17.96
CA GLN C 147 3.58 -14.35 -18.74
C GLN C 147 3.74 -15.86 -18.60
N MET C 148 2.99 -16.49 -17.71
CA MET C 148 2.90 -17.94 -17.52
C MET C 148 1.73 -18.57 -18.29
N GLY C 149 0.87 -17.76 -18.88
CA GLY C 149 -0.27 -18.27 -19.60
C GLY C 149 -1.50 -18.55 -18.79
N GLU C 150 -1.53 -18.12 -17.53
CA GLU C 150 -2.62 -18.44 -16.62
C GLU C 150 -3.70 -17.37 -16.51
N THR C 151 -3.48 -16.15 -16.96
CA THR C 151 -4.52 -15.13 -16.88
C THR C 151 -4.49 -14.26 -18.14
N ASP C 152 -5.68 -13.84 -18.58
CA ASP C 152 -5.81 -13.06 -19.81
C ASP C 152 -4.89 -11.85 -19.76
N ALA C 153 -4.18 -11.62 -20.88
CA ALA C 153 -3.26 -10.51 -20.94
C ALA C 153 -3.96 -9.18 -20.71
N ASN C 154 -5.24 -9.08 -21.09
CA ASN C 154 -5.98 -7.84 -20.92
C ASN C 154 -6.01 -7.38 -19.48
N VAL C 155 -5.81 -8.29 -18.52
CA VAL C 155 -5.76 -7.86 -17.13
C VAL C 155 -4.54 -6.99 -16.87
N ALA C 156 -3.37 -7.45 -17.31
CA ALA C 156 -2.18 -6.62 -17.16
C ALA C 156 -2.31 -5.35 -17.98
N LYS C 157 -2.93 -5.45 -19.17
CA LYS C 157 -3.16 -4.27 -20.01
C LYS C 157 -4.03 -3.26 -19.27
N PHE C 158 -5.08 -3.74 -18.62
CA PHE C 158 -5.98 -2.87 -17.88
C PHE C 158 -5.29 -2.19 -16.72
N LEU C 159 -4.52 -2.96 -15.95
CA LEU C 159 -3.80 -2.34 -14.85
C LEU C 159 -2.77 -1.33 -15.34
N ASN C 160 -2.09 -1.65 -16.44
CA ASN C 160 -1.11 -0.73 -16.97
C ASN C 160 -1.76 0.59 -17.36
N ARG C 161 -2.95 0.54 -17.96
CA ARG C 161 -3.60 1.80 -18.31
C ARG C 161 -4.20 2.48 -17.08
N LEU C 162 -4.62 1.71 -16.08
CA LEU C 162 -5.18 2.31 -14.88
C LEU C 162 -4.17 3.18 -14.17
N SER C 163 -2.89 2.81 -14.21
CA SER C 163 -1.86 3.68 -13.63
C SER C 163 -1.91 5.08 -14.26
N ASP C 164 -2.00 5.14 -15.59
CA ASP C 164 -2.05 6.44 -16.27
C ASP C 164 -3.36 7.17 -15.98
N TYR C 165 -4.47 6.44 -15.85
CA TYR C 165 -5.72 7.10 -15.49
C TYR C 165 -5.62 7.78 -14.12
N LEU C 166 -5.11 7.06 -13.11
CA LEU C 166 -5.01 7.65 -11.79
C LEU C 166 -4.10 8.87 -11.80
N PHE C 167 -3.01 8.81 -12.57
CA PHE C 167 -2.13 9.97 -12.68
C PHE C 167 -2.86 11.20 -13.28
N THR C 168 -3.53 11.02 -14.41
CA THR C 168 -4.18 12.21 -14.97
C THR C 168 -5.34 12.67 -14.09
N LEU C 169 -5.99 11.74 -13.36
CA LEU C 169 -7.08 12.14 -12.46
C LEU C 169 -6.55 12.95 -11.29
N ALA C 170 -5.43 12.52 -10.70
CA ALA C 170 -4.79 13.30 -9.66
C ALA C 170 -4.57 14.73 -10.15
N ARG C 171 -4.00 14.86 -11.36
CA ARG C 171 -3.76 16.19 -11.89
C ARG C 171 -5.05 16.98 -12.03
N TYR C 172 -6.12 16.33 -12.50
CA TYR C 172 -7.38 17.04 -12.71
C TYR C 172 -7.97 17.51 -11.40
N ALA C 173 -7.88 16.66 -10.37
CA ALA C 173 -8.40 17.06 -9.07
C ALA C 173 -7.63 18.24 -8.51
N ALA C 174 -6.30 18.21 -8.65
CA ALA C 174 -5.52 19.35 -8.20
C ALA C 174 -5.90 20.62 -8.94
N MET C 175 -6.16 20.51 -10.24
CA MET C 175 -6.57 21.67 -11.01
C MET C 175 -7.90 22.21 -10.51
N LYS C 176 -8.88 21.34 -10.35
CA LYS C 176 -10.21 21.80 -9.96
C LYS C 176 -10.23 22.32 -8.53
N GLU C 177 -9.31 21.89 -7.65
CA GLU C 177 -9.28 22.49 -6.33
C GLU C 177 -8.40 23.73 -6.31
N GLY C 178 -7.75 24.04 -7.43
CA GLY C 178 -6.85 25.15 -7.58
C GLY C 178 -5.54 25.01 -6.83
N ASN C 179 -5.15 23.79 -6.50
CA ASN C 179 -3.92 23.53 -5.79
C ASN C 179 -2.84 23.19 -6.82
N GLN C 180 -1.62 23.62 -6.54
CA GLN C 180 -0.56 23.62 -7.53
C GLN C 180 0.45 22.55 -7.16
N GLU C 181 0.67 21.60 -8.07
CA GLU C 181 1.51 20.45 -7.74
C GLU C 181 2.94 20.91 -7.54
N LYS C 182 3.62 20.23 -6.63
CA LYS C 182 5.04 20.49 -6.43
C LYS C 182 5.82 19.78 -7.53
N ILE C 183 6.84 20.45 -8.06
CA ILE C 183 7.64 19.92 -9.17
C ILE C 183 8.97 19.44 -8.63
N TYR C 184 9.48 18.35 -9.20
CA TYR C 184 10.78 17.84 -8.81
C TYR C 184 11.85 18.90 -9.06
N MET C 185 12.79 19.03 -8.13
CA MET C 185 13.88 19.99 -8.21
C MET C 185 15.16 19.27 -7.80
N LYS C 186 16.14 19.23 -8.69
CA LYS C 186 17.42 18.58 -8.42
C LYS C 186 18.12 19.22 -7.22
N ASN C 187 18.82 18.40 -6.45
CA ASN C 187 19.57 18.87 -5.28
C ASN C 187 18.66 19.65 -4.32
#